data_8OGS
#
_entry.id   8OGS
#
_cell.length_a   118.750
_cell.length_b   38.960
_cell.length_c   68.220
_cell.angle_alpha   90.000
_cell.angle_beta   95.340
_cell.angle_gamma   90.000
#
_symmetry.space_group_name_H-M   'C 1 2 1'
#
loop_
_entity.id
_entity.type
_entity.pdbx_description
1 polymer 'Cyclic di-AMP synthase CdaA'
2 non-polymer 'ethyl 1,3-dihydro-2H-pyrrolo[3,4-c]pyridine-2-carboxylate'
3 non-polymer 'MAGNESIUM ION'
4 water water
#
_entity_poly.entity_id   1
_entity_poly.type   'polypeptide(L)'
_entity_poly.pdbx_seq_one_letter_code
;GPTPVEEAQQKTIEAITKAINYMAKRRIGALLTIERDTGMGDYIETGIPLNAKVSSELLINIFIPNTPLHDGAVIMKNNE
IAAAACYLPLSESPFISKELGTRHRAAVGISEVTDSLTIIVSEETGGVSVAKNGDLHRELTEEALKEMLEAEFK
;
_entity_poly.pdbx_strand_id   A,B
#
# COMPACT_ATOMS: atom_id res chain seq x y z
N THR A 3 -12.96 -16.70 -19.64
CA THR A 3 -13.49 -17.20 -18.35
C THR A 3 -13.13 -16.22 -17.24
N PRO A 4 -13.77 -16.33 -16.08
CA PRO A 4 -13.40 -15.44 -14.97
C PRO A 4 -11.93 -15.52 -14.59
N VAL A 5 -11.34 -16.71 -14.54
CA VAL A 5 -9.94 -16.84 -14.17
C VAL A 5 -9.06 -16.15 -15.21
N GLU A 6 -9.39 -16.30 -16.50
CA GLU A 6 -8.61 -15.64 -17.54
C GLU A 6 -8.75 -14.13 -17.45
N GLU A 7 -9.96 -13.63 -17.20
CA GLU A 7 -10.15 -12.19 -17.06
C GLU A 7 -9.35 -11.67 -15.90
N ALA A 8 -9.28 -12.41 -14.79
CA ALA A 8 -8.55 -11.94 -13.63
C ALA A 8 -7.06 -11.90 -13.89
N GLN A 9 -6.53 -12.88 -14.61
CA GLN A 9 -5.15 -12.94 -14.93
C GLN A 9 -4.77 -11.75 -15.82
N GLN A 10 -5.63 -11.43 -16.78
CA GLN A 10 -5.32 -10.33 -17.67
C GLN A 10 -5.38 -9.01 -16.92
N LYS A 11 -6.32 -8.86 -15.99
CA LYS A 11 -6.39 -7.64 -15.20
C LYS A 11 -5.13 -7.45 -14.38
N THR A 12 -4.60 -8.53 -13.83
CA THR A 12 -3.39 -8.45 -13.03
C THR A 12 -2.18 -8.10 -13.89
N ILE A 13 -2.08 -8.69 -15.08
CA ILE A 13 -0.99 -8.34 -16.00
C ILE A 13 -1.08 -6.85 -16.35
N GLU A 14 -2.27 -6.34 -16.61
CA GLU A 14 -2.39 -4.94 -16.95
C GLU A 14 -2.01 -4.04 -15.78
N ALA A 15 -2.36 -4.42 -14.56
CA ALA A 15 -1.99 -3.62 -13.40
C ALA A 15 -0.48 -3.58 -13.24
N ILE A 16 0.18 -4.76 -13.39
CA ILE A 16 1.62 -4.81 -13.26
C ILE A 16 2.28 -3.96 -14.33
N THR A 17 1.87 -4.12 -15.58
CA THR A 17 2.59 -3.39 -16.62
C THR A 17 2.39 -1.88 -16.44
N LYS A 18 1.21 -1.44 -16.04
CA LYS A 18 1.00 0.00 -15.83
C LYS A 18 1.90 0.50 -14.70
N ALA A 19 2.03 -0.27 -13.62
CA ALA A 19 2.90 0.17 -12.51
C ALA A 19 4.38 0.21 -12.93
N ILE A 20 4.83 -0.86 -13.64
CA ILE A 20 6.19 -0.92 -14.10
C ILE A 20 6.51 0.26 -15.05
N ASN A 21 5.56 0.59 -15.92
CA ASN A 21 5.79 1.71 -16.86
C ASN A 21 5.97 3.02 -16.09
N TYR A 22 5.14 3.26 -15.07
CA TYR A 22 5.25 4.47 -14.27
C TYR A 22 6.59 4.53 -13.59
N MET A 23 7.01 3.47 -12.99
CA MET A 23 8.26 3.42 -12.24
C MET A 23 9.47 3.54 -13.17
N ALA A 24 9.41 2.93 -14.35
CA ALA A 24 10.50 3.05 -15.30
C ALA A 24 10.69 4.50 -15.74
N LYS A 25 9.59 5.18 -16.04
CA LYS A 25 9.64 6.58 -16.45
C LYS A 25 10.31 7.48 -15.40
N ARG A 26 10.06 7.19 -14.13
CA ARG A 26 10.57 7.99 -13.02
C ARG A 26 11.82 7.42 -12.40
N ARG A 27 12.35 6.32 -12.94
CA ARG A 27 13.57 5.66 -12.41
C ARG A 27 13.39 5.37 -10.91
N ILE A 28 12.25 4.81 -10.55
CA ILE A 28 11.93 4.32 -9.21
C ILE A 28 12.34 2.85 -9.21
N GLY A 29 13.30 2.52 -8.35
CA GLY A 29 13.70 1.11 -8.22
C GLY A 29 12.58 0.25 -7.68
N ALA A 30 12.43 -0.96 -8.28
CA ALA A 30 11.37 -1.85 -7.83
C ALA A 30 11.81 -3.28 -8.02
N LEU A 31 11.22 -4.17 -7.25
CA LEU A 31 11.52 -5.60 -7.28
C LEU A 31 10.23 -6.32 -6.96
N LEU A 32 9.74 -7.07 -7.94
CA LEU A 32 8.41 -7.69 -7.85
C LEU A 32 8.53 -9.16 -8.30
N THR A 33 8.37 -10.08 -7.36
CA THR A 33 8.51 -11.51 -7.59
C THR A 33 7.13 -12.15 -7.63
N ILE A 34 6.85 -12.93 -8.70
CA ILE A 34 5.58 -13.61 -8.84
C ILE A 34 5.81 -15.10 -8.55
N GLU A 35 5.25 -15.59 -7.45
CA GLU A 35 5.40 -17.00 -7.11
C GLU A 35 4.71 -17.87 -8.15
N ARG A 36 5.32 -19.00 -8.43
CA ARG A 36 4.77 -19.99 -9.39
C ARG A 36 4.61 -21.30 -8.66
N ASP A 37 5.20 -22.39 -9.18
CA ASP A 37 4.96 -23.70 -8.54
C ASP A 37 5.79 -23.89 -7.30
N THR A 38 6.99 -23.30 -7.23
CA THR A 38 7.80 -23.44 -6.03
C THR A 38 7.26 -22.47 -4.96
N GLY A 39 6.87 -23.02 -3.82
CA GLY A 39 6.35 -22.19 -2.74
C GLY A 39 7.41 -21.25 -2.20
N MET A 40 7.00 -20.01 -1.93
CA MET A 40 7.92 -19.00 -1.41
C MET A 40 7.51 -18.48 -0.03
N GLY A 41 6.82 -19.30 0.74
CA GLY A 41 6.34 -18.83 2.02
C GLY A 41 7.44 -18.35 2.94
N ASP A 42 8.59 -18.98 2.92
CA ASP A 42 9.69 -18.59 3.80
C ASP A 42 10.19 -17.18 3.47
N TYR A 43 10.14 -16.77 2.22
CA TYR A 43 10.50 -15.40 1.86
C TYR A 43 9.37 -14.42 2.14
N ILE A 44 8.12 -14.82 1.88
CA ILE A 44 6.97 -13.99 2.16
C ILE A 44 6.95 -13.61 3.63
N GLU A 45 7.35 -14.54 4.49
CA GLU A 45 7.29 -14.32 5.92
C GLU A 45 8.31 -13.31 6.39
N THR A 46 9.32 -12.95 5.59
CA THR A 46 10.31 -11.98 5.99
C THR A 46 9.84 -10.53 5.77
N GLY A 47 8.74 -10.32 5.08
CA GLY A 47 8.23 -9.01 4.75
C GLY A 47 7.06 -8.58 5.62
N ILE A 48 6.44 -7.49 5.19
CA ILE A 48 5.26 -6.96 5.85
C ILE A 48 4.05 -7.61 5.18
N PRO A 49 3.20 -8.31 5.93
CA PRO A 49 2.03 -8.94 5.30
C PRO A 49 1.05 -7.93 4.75
N LEU A 50 0.55 -8.18 3.55
CA LEU A 50 -0.49 -7.37 2.95
C LEU A 50 -1.70 -8.18 2.56
N ASN A 51 -1.51 -9.28 1.83
CA ASN A 51 -2.60 -10.07 1.28
C ASN A 51 -3.63 -9.17 0.61
N ALA A 52 -3.15 -8.27 -0.24
CA ALA A 52 -3.94 -7.23 -0.84
C ALA A 52 -4.32 -7.51 -2.27
N LYS A 53 -5.44 -6.96 -2.71
CA LYS A 53 -5.78 -6.99 -4.14
C LYS A 53 -4.73 -6.22 -4.92
N VAL A 54 -4.38 -6.73 -6.11
CA VAL A 54 -3.42 -6.04 -6.95
C VAL A 54 -4.10 -4.83 -7.57
N SER A 55 -3.39 -3.73 -7.63
CA SER A 55 -3.76 -2.59 -8.46
C SER A 55 -2.47 -1.91 -8.85
N SER A 56 -2.52 -1.20 -9.95
CA SER A 56 -1.32 -0.41 -10.34
C SER A 56 -1.03 0.64 -9.29
N GLU A 57 -2.09 1.23 -8.72
CA GLU A 57 -1.93 2.28 -7.74
C GLU A 57 -1.19 1.75 -6.52
N LEU A 58 -1.63 0.61 -5.98
CA LEU A 58 -0.97 0.07 -4.79
C LEU A 58 0.48 -0.28 -5.08
N LEU A 59 0.74 -0.91 -6.24
CA LEU A 59 2.12 -1.24 -6.55
C LEU A 59 3.00 0.03 -6.62
N ILE A 60 2.50 1.06 -7.25
CA ILE A 60 3.26 2.33 -7.27
C ILE A 60 3.50 2.86 -5.86
N ASN A 61 2.44 2.92 -5.05
CA ASN A 61 2.59 3.50 -3.71
C ASN A 61 3.58 2.71 -2.88
N ILE A 62 3.64 1.37 -3.05
CA ILE A 62 4.60 0.57 -2.31
C ILE A 62 6.03 1.01 -2.56
N PHE A 63 6.39 1.27 -3.84
CA PHE A 63 7.79 1.44 -4.18
C PHE A 63 8.26 2.90 -4.17
N ILE A 64 7.46 3.81 -3.66
CA ILE A 64 7.93 5.20 -3.65
C ILE A 64 9.21 5.30 -2.82
N PRO A 65 10.25 6.00 -3.28
CA PRO A 65 11.48 6.02 -2.52
C PRO A 65 11.28 6.70 -1.16
N ASN A 66 12.08 6.28 -0.21
CA ASN A 66 12.13 6.86 1.13
C ASN A 66 10.86 6.59 1.91
N THR A 67 10.24 5.46 1.68
CA THR A 67 9.01 5.08 2.35
C THR A 67 9.22 3.77 3.09
N PRO A 68 8.33 3.42 4.02
CA PRO A 68 8.54 2.17 4.77
C PRO A 68 8.64 0.90 3.89
N LEU A 69 7.86 0.81 2.83
CA LEU A 69 7.74 -0.45 2.09
C LEU A 69 8.64 -0.57 0.89
N HIS A 70 9.41 0.43 0.54
CA HIS A 70 10.06 0.43 -0.78
C HIS A 70 11.31 -0.43 -0.86
N ASP A 71 11.92 -0.79 0.25
CA ASP A 71 13.15 -1.58 0.19
C ASP A 71 12.77 -3.05 0.35
N GLY A 72 13.21 -3.87 -0.53
CA GLY A 72 12.86 -5.26 -0.54
C GLY A 72 11.85 -5.56 -1.65
N ALA A 73 11.49 -6.81 -1.69
CA ALA A 73 10.66 -7.31 -2.79
C ALA A 73 9.19 -7.35 -2.42
N VAL A 74 8.34 -7.01 -3.35
CA VAL A 74 6.93 -7.42 -3.31
C VAL A 74 6.86 -8.84 -3.81
N ILE A 75 6.09 -9.70 -3.11
CA ILE A 75 5.89 -11.08 -3.60
C ILE A 75 4.42 -11.25 -3.83
N MET A 76 4.06 -11.63 -5.05
CA MET A 76 2.66 -11.89 -5.43
C MET A 76 2.40 -13.39 -5.42
N LYS A 77 1.25 -13.81 -4.97
CA LYS A 77 0.84 -15.22 -4.88
C LYS A 77 -0.67 -15.25 -5.04
N ASN A 78 -1.15 -16.19 -5.83
CA ASN A 78 -2.61 -16.36 -6.01
C ASN A 78 -3.33 -15.07 -6.37
N ASN A 79 -2.72 -14.28 -7.27
CA ASN A 79 -3.31 -13.08 -7.83
C ASN A 79 -3.48 -11.96 -6.79
N GLU A 80 -2.70 -11.98 -5.72
CA GLU A 80 -2.71 -10.96 -4.69
C GLU A 80 -1.29 -10.62 -4.36
N ILE A 81 -1.13 -9.44 -3.74
CA ILE A 81 0.18 -9.05 -3.19
C ILE A 81 0.27 -9.67 -1.80
N ALA A 82 1.09 -10.70 -1.62
CA ALA A 82 1.16 -11.38 -0.32
C ALA A 82 1.87 -10.51 0.72
N ALA A 83 3.01 -9.91 0.30
CA ALA A 83 3.82 -9.13 1.25
C ALA A 83 4.71 -8.18 0.49
N ALA A 84 5.14 -7.17 1.20
CA ALA A 84 6.13 -6.20 0.66
C ALA A 84 7.34 -6.16 1.58
N ALA A 85 8.44 -5.57 1.05
CA ALA A 85 9.65 -5.41 1.82
C ALA A 85 10.25 -6.76 2.21
N CYS A 86 10.13 -7.74 1.31
CA CYS A 86 10.60 -9.07 1.62
C CYS A 86 12.09 -9.23 1.25
N TYR A 87 12.76 -10.09 1.99
N TYR A 87 12.76 -10.12 1.97
CA TYR A 87 14.14 -10.45 1.69
CA TYR A 87 14.16 -10.41 1.69
C TYR A 87 14.16 -11.53 0.61
C TYR A 87 14.25 -11.56 0.70
N LEU A 88 15.12 -11.42 -0.30
CA LEU A 88 15.42 -12.45 -1.29
C LEU A 88 16.90 -12.72 -1.23
N PRO A 89 17.32 -13.94 -1.56
CA PRO A 89 18.74 -14.27 -1.49
C PRO A 89 19.50 -13.62 -2.63
N LEU A 90 20.68 -13.12 -2.31
CA LEU A 90 21.52 -12.47 -3.34
C LEU A 90 22.30 -13.51 -4.14
N SER A 91 22.17 -13.42 -5.46
CA SER A 91 22.96 -14.32 -6.31
C SER A 91 24.44 -14.03 -6.17
N GLU A 92 25.23 -15.10 -6.26
CA GLU A 92 26.69 -15.03 -6.39
C GLU A 92 27.13 -15.31 -7.84
N SER A 93 26.21 -15.24 -8.77
CA SER A 93 26.57 -15.57 -10.18
C SER A 93 27.59 -14.58 -10.70
N PRO A 94 28.67 -15.04 -11.30
CA PRO A 94 29.67 -14.09 -11.87
C PRO A 94 29.24 -13.54 -13.20
N PHE A 95 28.04 -13.90 -13.69
CA PHE A 95 27.61 -13.61 -15.05
C PHE A 95 26.49 -12.58 -15.12
N ILE A 96 26.30 -11.82 -14.09
CA ILE A 96 25.39 -10.67 -14.07
C ILE A 96 26.20 -9.44 -14.44
N SER A 97 25.61 -8.59 -15.29
CA SER A 97 26.29 -7.36 -15.64
C SER A 97 26.85 -6.64 -14.43
N LYS A 98 28.11 -6.22 -14.54
CA LYS A 98 28.82 -5.77 -13.35
C LYS A 98 28.37 -4.38 -12.89
N GLU A 99 27.64 -3.65 -13.70
CA GLU A 99 27.14 -2.36 -13.24
C GLU A 99 25.85 -2.45 -12.44
N LEU A 100 25.28 -3.64 -12.31
CA LEU A 100 24.03 -3.84 -11.59
C LEU A 100 24.28 -4.11 -10.12
N GLY A 101 23.33 -3.68 -9.31
CA GLY A 101 23.45 -3.77 -7.89
C GLY A 101 22.54 -4.78 -7.23
N THR A 102 22.14 -4.49 -6.01
CA THR A 102 21.59 -5.56 -5.18
C THR A 102 20.16 -5.94 -5.54
N ARG A 103 19.33 -5.03 -6.06
CA ARG A 103 17.98 -5.42 -6.47
C ARG A 103 18.08 -6.50 -7.54
N HIS A 104 19.00 -6.32 -8.50
CA HIS A 104 19.10 -7.27 -9.57
C HIS A 104 19.73 -8.56 -9.10
N ARG A 105 20.68 -8.52 -8.18
CA ARG A 105 21.28 -9.75 -7.67
C ARG A 105 20.27 -10.51 -6.82
N ALA A 106 19.40 -9.80 -6.12
CA ALA A 106 18.32 -10.44 -5.34
C ALA A 106 17.35 -11.14 -6.29
N ALA A 107 16.99 -10.48 -7.38
CA ALA A 107 16.07 -11.10 -8.36
C ALA A 107 16.65 -12.36 -8.95
N VAL A 108 17.91 -12.28 -9.40
CA VAL A 108 18.55 -13.46 -9.96
C VAL A 108 18.65 -14.51 -8.87
N GLY A 109 18.97 -14.13 -7.66
CA GLY A 109 19.13 -15.11 -6.59
C GLY A 109 17.87 -15.90 -6.32
N ILE A 110 16.73 -15.26 -6.22
CA ILE A 110 15.50 -16.00 -5.99
C ILE A 110 15.17 -16.87 -7.20
N SER A 111 15.49 -16.38 -8.41
CA SER A 111 15.24 -17.17 -9.62
C SER A 111 16.12 -18.40 -9.75
N GLU A 112 17.21 -18.50 -8.99
CA GLU A 112 18.08 -19.67 -9.04
C GLU A 112 17.52 -20.84 -8.24
N VAL A 113 16.62 -20.56 -7.28
CA VAL A 113 16.16 -21.58 -6.35
C VAL A 113 14.64 -21.73 -6.37
N THR A 114 13.97 -21.09 -7.32
CA THR A 114 12.55 -21.20 -7.54
C THR A 114 12.26 -21.06 -9.00
N ASP A 115 11.04 -21.37 -9.39
CA ASP A 115 10.54 -21.14 -10.74
C ASP A 115 9.81 -19.82 -10.89
N SER A 116 10.05 -18.90 -9.98
CA SER A 116 9.33 -17.63 -9.97
C SER A 116 9.80 -16.74 -11.12
N LEU A 117 9.02 -15.69 -11.40
CA LEU A 117 9.41 -14.65 -12.36
C LEU A 117 9.50 -13.35 -11.56
N THR A 118 10.63 -12.69 -11.66
CA THR A 118 10.86 -11.43 -10.96
C THR A 118 11.04 -10.33 -11.95
N ILE A 119 10.39 -9.20 -11.71
CA ILE A 119 10.57 -7.95 -12.49
C ILE A 119 11.39 -6.99 -11.68
N ILE A 120 12.35 -6.34 -12.33
CA ILE A 120 13.19 -5.33 -11.68
C ILE A 120 13.11 -4.06 -12.50
N VAL A 121 12.94 -2.92 -11.78
CA VAL A 121 13.16 -1.60 -12.41
C VAL A 121 14.41 -1.01 -11.79
N SER A 122 15.33 -0.56 -12.67
CA SER A 122 16.56 0.03 -12.14
C SER A 122 16.36 1.47 -11.67
N GLU A 123 16.91 1.77 -10.52
CA GLU A 123 16.84 3.18 -10.06
C GLU A 123 17.87 4.04 -10.77
N GLU A 124 18.85 3.40 -11.43
CA GLU A 124 19.86 4.17 -12.16
C GLU A 124 19.38 4.61 -13.52
N THR A 125 18.66 3.71 -14.25
CA THR A 125 18.32 3.95 -15.63
C THR A 125 16.85 3.88 -15.93
N GLY A 126 16.04 3.39 -15.02
CA GLY A 126 14.66 3.06 -15.34
C GLY A 126 14.54 1.84 -16.23
N GLY A 127 15.63 1.14 -16.56
CA GLY A 127 15.55 -0.07 -17.36
C GLY A 127 14.77 -1.15 -16.67
N VAL A 128 14.04 -1.94 -17.44
CA VAL A 128 13.19 -3.01 -16.92
C VAL A 128 13.82 -4.34 -17.30
N SER A 129 13.94 -5.24 -16.30
CA SER A 129 14.52 -6.56 -16.56
C SER A 129 13.67 -7.61 -15.86
N VAL A 130 13.90 -8.87 -16.26
CA VAL A 130 13.16 -10.02 -15.65
C VAL A 130 14.18 -11.08 -15.31
N ALA A 131 14.11 -11.65 -14.14
CA ALA A 131 14.93 -12.79 -13.72
C ALA A 131 14.10 -14.03 -13.70
N LYS A 132 14.63 -15.09 -14.30
CA LYS A 132 13.95 -16.42 -14.32
C LYS A 132 15.03 -17.46 -14.57
N ASN A 133 14.98 -18.53 -13.81
CA ASN A 133 15.87 -19.70 -14.05
C ASN A 133 17.35 -19.36 -13.90
N GLY A 134 17.68 -18.27 -13.17
CA GLY A 134 19.06 -17.89 -12.95
C GLY A 134 19.60 -16.91 -13.95
N ASP A 135 18.82 -16.50 -14.90
CA ASP A 135 19.22 -15.53 -15.90
C ASP A 135 18.42 -14.24 -15.79
N LEU A 136 19.10 -13.15 -16.18
CA LEU A 136 18.52 -11.85 -16.19
C LEU A 136 18.34 -11.39 -17.63
N HIS A 137 17.15 -11.03 -17.99
CA HIS A 137 16.79 -10.51 -19.31
C HIS A 137 16.63 -9.02 -19.22
N ARG A 138 17.56 -8.27 -19.85
CA ARG A 138 17.67 -6.84 -19.57
C ARG A 138 17.04 -6.02 -20.65
N GLU A 139 16.79 -4.76 -20.31
CA GLU A 139 16.42 -3.70 -21.23
C GLU A 139 15.22 -4.12 -22.06
N LEU A 140 14.17 -4.50 -21.35
CA LEU A 140 12.96 -4.94 -22.01
C LEU A 140 12.07 -3.79 -22.41
N THR A 141 11.43 -3.94 -23.57
CA THR A 141 10.33 -3.09 -23.96
C THR A 141 9.07 -3.47 -23.21
N GLU A 142 8.06 -2.61 -23.32
CA GLU A 142 6.76 -2.92 -22.76
C GLU A 142 6.19 -4.19 -23.38
N GLU A 143 6.31 -4.31 -24.71
CA GLU A 143 5.80 -5.51 -25.39
C GLU A 143 6.53 -6.76 -24.91
N ALA A 144 7.82 -6.69 -24.68
CA ALA A 144 8.62 -7.82 -24.24
C ALA A 144 8.20 -8.27 -22.83
N LEU A 145 8.00 -7.32 -21.91
CA LEU A 145 7.59 -7.73 -20.58
C LEU A 145 6.21 -8.36 -20.62
N LYS A 146 5.29 -7.81 -21.41
CA LYS A 146 3.93 -8.34 -21.48
C LYS A 146 3.98 -9.76 -22.04
N GLU A 147 4.84 -10.02 -23.04
CA GLU A 147 4.98 -11.37 -23.61
C GLU A 147 5.50 -12.33 -22.56
N MET A 148 6.41 -11.90 -21.71
CA MET A 148 6.94 -12.77 -20.70
C MET A 148 5.87 -13.09 -19.66
N LEU A 149 5.11 -12.06 -19.23
CA LEU A 149 4.04 -12.33 -18.27
C LEU A 149 3.00 -13.26 -18.84
N GLU A 150 2.63 -13.07 -20.11
CA GLU A 150 1.62 -13.97 -20.72
C GLU A 150 2.19 -15.37 -20.89
N ALA A 151 3.47 -15.49 -21.23
CA ALA A 151 4.05 -16.82 -21.39
C ALA A 151 4.08 -17.54 -20.06
N GLU A 152 4.37 -16.77 -18.99
CA GLU A 152 4.42 -17.34 -17.68
C GLU A 152 3.04 -17.85 -17.26
N PRO B 2 -6.45 -11.74 27.19
CA PRO B 2 -7.28 -11.23 26.10
C PRO B 2 -7.55 -12.27 25.03
N THR B 3 -8.72 -12.21 24.39
CA THR B 3 -9.02 -13.12 23.31
C THR B 3 -8.23 -12.73 22.05
N PRO B 4 -8.17 -13.63 21.06
CA PRO B 4 -7.56 -13.23 19.77
C PRO B 4 -8.18 -11.97 19.17
N VAL B 5 -9.52 -11.83 19.25
CA VAL B 5 -10.17 -10.62 18.73
C VAL B 5 -9.63 -9.39 19.45
N GLU B 6 -9.46 -9.47 20.76
CA GLU B 6 -8.96 -8.33 21.50
C GLU B 6 -7.51 -8.03 21.18
N GLU B 7 -6.68 -9.07 21.05
CA GLU B 7 -5.30 -8.86 20.65
C GLU B 7 -5.21 -8.25 19.27
N ALA B 8 -6.04 -8.71 18.32
CA ALA B 8 -6.02 -8.14 16.97
C ALA B 8 -6.39 -6.67 16.98
N GLN B 9 -7.41 -6.33 17.80
CA GLN B 9 -7.81 -4.93 17.91
C GLN B 9 -6.65 -4.09 18.44
N GLN B 10 -5.91 -4.62 19.39
CA GLN B 10 -4.80 -3.86 19.96
C GLN B 10 -3.69 -3.67 18.95
N LYS B 11 -3.37 -4.69 18.17
CA LYS B 11 -2.40 -4.56 17.09
C LYS B 11 -2.85 -3.53 16.06
N THR B 12 -4.15 -3.51 15.71
CA THR B 12 -4.63 -2.56 14.73
C THR B 12 -4.54 -1.13 15.26
N ILE B 13 -4.89 -0.93 16.55
CA ILE B 13 -4.74 0.39 17.19
C ILE B 13 -3.28 0.82 17.18
N GLU B 14 -2.36 -0.08 17.55
CA GLU B 14 -0.94 0.25 17.53
C GLU B 14 -0.50 0.67 16.14
N ALA B 15 -0.93 -0.09 15.08
CA ALA B 15 -0.56 0.27 13.73
C ALA B 15 -1.09 1.63 13.33
N ILE B 16 -2.35 1.93 13.66
CA ILE B 16 -2.94 3.21 13.31
C ILE B 16 -2.21 4.36 14.02
N THR B 17 -1.98 4.19 15.35
CA THR B 17 -1.38 5.32 16.08
C THR B 17 0.06 5.56 15.60
N LYS B 18 0.81 4.49 15.31
CA LYS B 18 2.18 4.68 14.81
C LYS B 18 2.17 5.42 13.49
N ALA B 19 1.22 5.07 12.60
CA ALA B 19 1.18 5.74 11.31
C ALA B 19 0.78 7.19 11.45
N ILE B 20 -0.30 7.44 12.26
CA ILE B 20 -0.73 8.83 12.44
C ILE B 20 0.38 9.68 13.06
N ASN B 21 1.09 9.14 14.03
CA ASN B 21 2.15 9.92 14.70
C ASN B 21 3.24 10.28 13.68
N TYR B 22 3.61 9.31 12.84
CA TYR B 22 4.63 9.54 11.81
C TYR B 22 4.19 10.61 10.82
N MET B 23 2.97 10.52 10.32
CA MET B 23 2.44 11.52 9.41
C MET B 23 2.29 12.89 10.02
N ALA B 24 1.79 12.96 11.26
CA ALA B 24 1.71 14.26 11.93
C ALA B 24 3.07 14.94 11.96
N LYS B 25 4.10 14.20 12.33
CA LYS B 25 5.43 14.78 12.47
C LYS B 25 5.92 15.37 11.16
N ARG B 26 5.61 14.72 10.05
CA ARG B 26 6.06 15.11 8.73
C ARG B 26 5.06 15.94 7.99
N ARG B 27 3.96 16.31 8.62
CA ARG B 27 2.96 17.13 7.97
C ARG B 27 2.46 16.43 6.70
N ILE B 28 2.26 15.10 6.79
CA ILE B 28 1.65 14.33 5.72
C ILE B 28 0.15 14.30 5.96
N GLY B 29 -0.60 14.91 5.06
CA GLY B 29 -2.05 14.93 5.20
C GLY B 29 -2.62 13.53 5.07
N ALA B 30 -3.63 13.25 5.87
CA ALA B 30 -4.21 11.89 5.86
C ALA B 30 -5.64 11.96 6.30
N LEU B 31 -6.42 11.02 5.85
CA LEU B 31 -7.86 10.89 6.10
C LEU B 31 -8.20 9.44 6.22
N LEU B 32 -8.52 8.98 7.42
CA LEU B 32 -8.62 7.55 7.73
C LEU B 32 -9.90 7.33 8.51
N THR B 33 -10.85 6.66 7.87
CA THR B 33 -12.18 6.37 8.42
C THR B 33 -12.27 4.93 8.87
N ILE B 34 -12.67 4.71 10.09
CA ILE B 34 -12.83 3.37 10.66
C ILE B 34 -14.31 3.06 10.71
N GLU B 35 -14.77 2.09 9.89
CA GLU B 35 -16.16 1.69 9.89
C GLU B 35 -16.51 1.12 11.25
N ARG B 36 -17.74 1.40 11.70
CA ARG B 36 -18.27 0.84 12.95
C ARG B 36 -19.49 0.04 12.60
N ASP B 37 -20.63 0.33 13.20
CA ASP B 37 -21.81 -0.51 12.94
C ASP B 37 -22.62 -0.08 11.75
N THR B 38 -22.49 1.14 11.27
CA THR B 38 -23.12 1.57 10.05
C THR B 38 -22.23 1.19 8.89
N GLY B 39 -22.70 0.31 8.01
CA GLY B 39 -21.86 -0.14 6.92
C GLY B 39 -21.56 0.93 5.90
N MET B 40 -20.33 0.93 5.43
CA MET B 40 -19.83 1.98 4.54
C MET B 40 -19.51 1.47 3.15
N GLY B 41 -20.18 0.39 2.77
CA GLY B 41 -19.89 -0.19 1.44
C GLY B 41 -19.98 0.80 0.33
N ASP B 42 -20.98 1.69 0.33
CA ASP B 42 -21.18 2.60 -0.77
C ASP B 42 -19.97 3.50 -0.95
N TYR B 43 -19.32 3.84 0.14
CA TYR B 43 -18.14 4.70 0.06
C TYR B 43 -16.88 3.93 -0.24
N ILE B 44 -16.78 2.72 0.33
CA ILE B 44 -15.65 1.82 -0.01
C ILE B 44 -15.57 1.58 -1.49
N GLU B 45 -16.72 1.40 -2.13
CA GLU B 45 -16.76 1.07 -3.56
C GLU B 45 -16.33 2.21 -4.46
N THR B 46 -16.23 3.44 -3.93
CA THR B 46 -15.73 4.54 -4.73
C THR B 46 -14.21 4.58 -4.84
N GLY B 47 -13.49 3.83 -4.02
CA GLY B 47 -12.05 3.88 -3.94
C GLY B 47 -11.41 2.75 -4.71
N ILE B 48 -10.12 2.61 -4.49
CA ILE B 48 -9.34 1.49 -5.09
C ILE B 48 -9.38 0.37 -4.07
N PRO B 49 -9.88 -0.83 -4.43
CA PRO B 49 -9.94 -1.91 -3.46
C PRO B 49 -8.57 -2.41 -3.04
N LEU B 50 -8.35 -2.58 -1.75
CA LEU B 50 -7.13 -3.21 -1.21
C LEU B 50 -7.46 -4.46 -0.45
N ASN B 51 -8.42 -4.45 0.46
CA ASN B 51 -8.72 -5.57 1.31
C ASN B 51 -7.44 -6.11 1.94
N ALA B 52 -6.62 -5.21 2.45
CA ALA B 52 -5.28 -5.55 2.87
C ALA B 52 -5.20 -5.66 4.38
N LYS B 53 -4.30 -6.47 4.88
CA LYS B 53 -3.97 -6.47 6.31
C LYS B 53 -3.40 -5.12 6.70
N VAL B 54 -3.78 -4.65 7.90
CA VAL B 54 -3.31 -3.35 8.35
C VAL B 54 -1.85 -3.45 8.75
N SER B 55 -1.07 -2.42 8.45
CA SER B 55 0.24 -2.21 9.03
C SER B 55 0.46 -0.71 9.06
N SER B 56 1.30 -0.25 9.97
CA SER B 56 1.67 1.15 10.00
C SER B 56 2.36 1.51 8.69
N GLU B 57 3.16 0.59 8.19
CA GLU B 57 3.96 0.84 6.98
C GLU B 57 3.03 1.08 5.77
N LEU B 58 2.01 0.26 5.60
CA LEU B 58 1.11 0.43 4.47
C LEU B 58 0.33 1.73 4.60
N LEU B 59 -0.18 2.00 5.81
CA LEU B 59 -0.90 3.27 6.05
C LEU B 59 -0.06 4.47 5.66
N ILE B 60 1.20 4.51 6.08
CA ILE B 60 2.07 5.62 5.73
C ILE B 60 2.27 5.68 4.21
N ASN B 61 2.59 4.52 3.58
CA ASN B 61 2.86 4.52 2.16
C ASN B 61 1.65 5.04 1.38
N ILE B 62 0.43 4.77 1.84
CA ILE B 62 -0.75 5.19 1.10
C ILE B 62 -0.82 6.70 0.97
N PHE B 63 -0.47 7.41 2.03
CA PHE B 63 -0.70 8.85 2.10
C PHE B 63 0.48 9.71 1.65
N ILE B 64 1.57 9.11 1.21
CA ILE B 64 2.72 9.95 0.78
C ILE B 64 2.25 10.93 -0.30
N PRO B 65 2.61 12.20 -0.20
CA PRO B 65 2.10 13.16 -1.18
C PRO B 65 2.50 12.81 -2.61
N ASN B 66 1.63 13.20 -3.53
CA ASN B 66 1.88 13.11 -4.97
C ASN B 66 1.91 11.66 -5.48
N THR B 67 1.19 10.78 -4.81
CA THR B 67 1.13 9.37 -5.19
C THR B 67 -0.29 8.97 -5.58
N PRO B 68 -0.45 7.82 -6.25
CA PRO B 68 -1.79 7.47 -6.70
C PRO B 68 -2.85 7.37 -5.60
N LEU B 69 -2.48 6.95 -4.42
CA LEU B 69 -3.49 6.69 -3.40
C LEU B 69 -3.67 7.76 -2.35
N HIS B 70 -2.95 8.86 -2.42
CA HIS B 70 -2.91 9.79 -1.29
C HIS B 70 -4.11 10.70 -1.14
N ASP B 71 -4.88 10.93 -2.19
CA ASP B 71 -6.03 11.79 -2.11
C ASP B 71 -7.28 10.94 -1.92
N GLY B 72 -8.11 11.37 -1.03
CA GLY B 72 -9.29 10.67 -0.63
C GLY B 72 -9.08 9.88 0.64
N ALA B 73 -10.11 9.17 1.07
CA ALA B 73 -10.04 8.51 2.35
C ALA B 73 -9.62 7.05 2.25
N VAL B 74 -8.88 6.61 3.24
CA VAL B 74 -8.68 5.17 3.48
C VAL B 74 -9.89 4.78 4.35
N ILE B 75 -10.57 3.67 4.05
CA ILE B 75 -11.68 3.17 4.88
C ILE B 75 -11.25 1.84 5.42
N MET B 76 -11.19 1.64 6.73
CA MET B 76 -10.80 0.41 7.38
C MET B 76 -12.04 -0.36 7.85
N LYS B 77 -12.02 -1.67 7.75
CA LYS B 77 -13.13 -2.54 8.26
C LYS B 77 -12.38 -3.46 9.19
N ASN B 78 -12.55 -3.28 10.49
CA ASN B 78 -11.99 -4.20 11.52
C ASN B 78 -10.46 -4.14 11.44
N ASN B 79 -9.79 -5.21 11.00
CA ASN B 79 -8.37 -5.28 10.97
C ASN B 79 -7.85 -5.17 9.55
N GLU B 80 -8.62 -4.67 8.62
CA GLU B 80 -8.26 -4.51 7.18
C GLU B 80 -8.44 -3.15 6.67
N ILE B 81 -7.55 -2.79 5.77
CA ILE B 81 -7.73 -1.61 4.95
C ILE B 81 -8.58 -1.99 3.77
N ALA B 82 -9.86 -1.60 3.76
CA ALA B 82 -10.75 -2.06 2.69
C ALA B 82 -10.44 -1.39 1.35
N ALA B 83 -10.23 -0.11 1.33
CA ALA B 83 -10.01 0.66 0.12
C ALA B 83 -9.36 1.98 0.46
N ALA B 84 -8.67 2.53 -0.51
CA ALA B 84 -8.02 3.84 -0.42
C ALA B 84 -8.58 4.75 -1.47
N ALA B 85 -8.29 6.05 -1.33
CA ALA B 85 -8.70 7.05 -2.34
C ALA B 85 -10.23 7.08 -2.48
N CYS B 86 -10.91 6.90 -1.38
CA CYS B 86 -12.37 6.86 -1.39
C CYS B 86 -12.98 8.25 -1.27
N TYR B 87 -14.13 8.42 -1.85
N TYR B 87 -14.15 8.42 -1.82
CA TYR B 87 -14.94 9.63 -1.71
CA TYR B 87 -14.90 9.66 -1.71
C TYR B 87 -15.78 9.57 -0.46
C TYR B 87 -15.85 9.61 -0.53
N LEU B 88 -15.91 10.71 0.22
CA LEU B 88 -16.79 10.92 1.36
C LEU B 88 -17.56 12.19 1.11
N PRO B 89 -18.76 12.29 1.66
CA PRO B 89 -19.54 13.53 1.48
C PRO B 89 -18.94 14.67 2.31
N LEU B 90 -19.06 15.87 1.77
CA LEU B 90 -18.50 17.06 2.45
C LEU B 90 -19.56 17.68 3.36
N SER B 91 -19.18 17.86 4.61
CA SER B 91 -20.10 18.51 5.58
C SER B 91 -20.20 19.98 5.27
N GLU B 92 -21.38 20.52 5.52
CA GLU B 92 -21.62 21.95 5.49
C GLU B 92 -21.76 22.55 6.90
N SER B 93 -21.28 21.83 7.91
CA SER B 93 -21.43 22.30 9.30
C SER B 93 -20.69 23.61 9.48
N PRO B 94 -21.31 24.57 10.18
CA PRO B 94 -20.60 25.84 10.48
C PRO B 94 -19.61 25.71 11.61
N PHE B 95 -19.51 24.55 12.26
CA PHE B 95 -18.56 24.33 13.34
C PHE B 95 -17.25 23.72 12.88
N ILE B 96 -16.98 23.78 11.60
CA ILE B 96 -15.67 23.40 11.07
C ILE B 96 -14.85 24.69 10.92
N SER B 97 -13.71 24.74 11.57
CA SER B 97 -12.87 25.94 11.51
C SER B 97 -12.67 26.36 10.06
N LYS B 98 -12.84 27.66 9.78
CA LYS B 98 -12.88 28.13 8.40
C LYS B 98 -11.59 27.88 7.68
N GLU B 99 -10.46 27.79 8.39
CA GLU B 99 -9.19 27.59 7.70
C GLU B 99 -8.99 26.15 7.23
N LEU B 100 -9.82 25.20 7.67
CA LEU B 100 -9.61 23.80 7.30
C LEU B 100 -10.12 23.48 5.91
N GLY B 101 -9.45 22.55 5.27
CA GLY B 101 -9.78 22.18 3.92
C GLY B 101 -10.61 20.92 3.78
N THR B 102 -10.47 20.32 2.61
CA THR B 102 -11.45 19.29 2.21
C THR B 102 -11.33 18.03 3.05
N ARG B 103 -10.17 17.64 3.54
CA ARG B 103 -10.07 16.37 4.29
C ARG B 103 -10.92 16.49 5.56
N HIS B 104 -10.86 17.64 6.26
CA HIS B 104 -11.67 17.79 7.48
C HIS B 104 -13.13 17.85 7.19
N ARG B 105 -13.50 18.48 6.07
CA ARG B 105 -14.92 18.58 5.72
C ARG B 105 -15.48 17.22 5.33
N ALA B 106 -14.69 16.41 4.58
CA ALA B 106 -15.08 15.05 4.25
C ALA B 106 -15.25 14.20 5.50
N ALA B 107 -14.31 14.33 6.46
CA ALA B 107 -14.38 13.54 7.68
C ALA B 107 -15.63 13.86 8.45
N VAL B 108 -15.91 15.16 8.70
CA VAL B 108 -17.12 15.52 9.38
C VAL B 108 -18.33 15.03 8.58
N GLY B 109 -18.24 15.11 7.26
CA GLY B 109 -19.37 14.69 6.41
C GLY B 109 -19.75 13.23 6.61
N ILE B 110 -18.77 12.33 6.59
CA ILE B 110 -19.09 10.93 6.77
C ILE B 110 -19.57 10.69 8.19
N SER B 111 -19.05 11.47 9.13
CA SER B 111 -19.45 11.29 10.52
C SER B 111 -20.88 11.73 10.78
N GLU B 112 -21.49 12.50 9.88
CA GLU B 112 -22.88 12.90 10.04
C GLU B 112 -23.87 11.82 9.59
N VAL B 113 -23.43 10.79 8.84
CA VAL B 113 -24.33 9.83 8.23
C VAL B 113 -23.89 8.43 8.58
N THR B 114 -22.94 8.27 9.46
CA THR B 114 -22.51 7.00 10.00
C THR B 114 -22.05 7.18 11.42
N ASP B 115 -21.84 6.06 12.11
CA ASP B 115 -21.20 6.02 13.42
C ASP B 115 -19.71 5.77 13.37
N SER B 116 -19.09 6.02 12.23
CA SER B 116 -17.69 5.76 12.05
C SER B 116 -16.85 6.76 12.80
N LEU B 117 -15.58 6.46 13.02
CA LEU B 117 -14.60 7.38 13.60
C LEU B 117 -13.58 7.69 12.51
N THR B 118 -13.36 8.98 12.25
CA THR B 118 -12.39 9.39 11.22
C THR B 118 -11.28 10.17 11.84
N ILE B 119 -10.07 9.84 11.50
CA ILE B 119 -8.85 10.59 11.92
C ILE B 119 -8.36 11.41 10.77
N ILE B 120 -7.95 12.64 11.02
CA ILE B 120 -7.43 13.57 10.01
C ILE B 120 -6.10 14.07 10.49
N VAL B 121 -5.09 14.06 9.64
CA VAL B 121 -3.81 14.76 9.86
C VAL B 121 -3.79 15.97 8.91
N SER B 122 -3.56 17.18 9.49
CA SER B 122 -3.49 18.33 8.65
C SER B 122 -2.12 18.47 7.96
N GLU B 123 -2.13 18.65 6.64
CA GLU B 123 -0.86 18.91 5.95
C GLU B 123 -0.33 20.29 6.23
N GLU B 124 -1.16 21.17 6.76
CA GLU B 124 -0.69 22.54 7.05
C GLU B 124 0.02 22.60 8.37
N THR B 125 -0.52 21.97 9.41
CA THR B 125 0.01 22.13 10.75
C THR B 125 0.55 20.88 11.37
N GLY B 126 0.21 19.71 10.83
CA GLY B 126 0.52 18.44 11.49
C GLY B 126 -0.47 18.08 12.57
N GLY B 127 -1.43 18.95 12.87
CA GLY B 127 -2.41 18.64 13.91
C GLY B 127 -3.27 17.44 13.54
N VAL B 128 -3.66 16.69 14.57
CA VAL B 128 -4.47 15.49 14.48
C VAL B 128 -5.85 15.78 15.04
N SER B 129 -6.87 15.42 14.29
CA SER B 129 -8.24 15.61 14.74
C SER B 129 -9.03 14.36 14.47
N VAL B 130 -10.20 14.27 15.11
CA VAL B 130 -11.13 13.16 14.95
C VAL B 130 -12.54 13.69 14.70
N ALA B 131 -13.25 13.14 13.73
CA ALA B 131 -14.64 13.39 13.47
C ALA B 131 -15.48 12.24 13.91
N LYS B 132 -16.51 12.50 14.68
CA LYS B 132 -17.44 11.48 15.16
C LYS B 132 -18.77 12.15 15.42
N ASN B 133 -19.86 11.58 14.89
CA ASN B 133 -21.21 12.03 15.18
C ASN B 133 -21.41 13.51 14.88
N GLY B 134 -20.75 14.00 13.82
CA GLY B 134 -20.94 15.34 13.36
C GLY B 134 -20.04 16.40 14.02
N ASP B 135 -19.22 16.01 14.96
CA ASP B 135 -18.34 16.93 15.71
C ASP B 135 -16.90 16.65 15.34
N LEU B 136 -16.13 17.72 15.21
CA LEU B 136 -14.70 17.64 14.98
C LEU B 136 -13.95 18.01 16.25
N HIS B 137 -13.04 17.18 16.69
CA HIS B 137 -12.18 17.44 17.87
C HIS B 137 -10.74 17.57 17.42
N ARG B 138 -10.18 18.74 17.62
CA ARG B 138 -8.92 19.11 17.03
C ARG B 138 -7.77 18.97 18.00
N GLU B 139 -6.52 19.05 17.44
CA GLU B 139 -5.30 19.21 18.23
C GLU B 139 -5.12 18.14 19.30
N LEU B 140 -5.38 16.89 18.88
CA LEU B 140 -5.27 15.78 19.81
C LEU B 140 -3.84 15.44 20.13
N THR B 141 -3.56 15.16 21.40
CA THR B 141 -2.28 14.59 21.75
C THR B 141 -2.25 13.14 21.29
N GLU B 142 -1.05 12.57 21.24
CA GLU B 142 -0.96 11.14 20.91
C GLU B 142 -1.72 10.31 21.92
N GLU B 143 -1.64 10.67 23.21
CA GLU B 143 -2.33 9.92 24.24
C GLU B 143 -3.84 9.97 24.04
N ALA B 144 -4.37 11.16 23.72
CA ALA B 144 -5.80 11.32 23.54
C ALA B 144 -6.30 10.51 22.35
N LEU B 145 -5.55 10.53 21.27
CA LEU B 145 -5.97 9.72 20.12
C LEU B 145 -6.04 8.24 20.49
N LYS B 146 -5.03 7.71 21.17
CA LYS B 146 -5.00 6.28 21.50
C LYS B 146 -6.18 5.94 22.39
N GLU B 147 -6.47 6.80 23.38
CA GLU B 147 -7.61 6.54 24.26
C GLU B 147 -8.91 6.56 23.52
N MET B 148 -9.07 7.49 22.57
CA MET B 148 -10.30 7.51 21.77
C MET B 148 -10.43 6.22 20.99
N LEU B 149 -9.34 5.74 20.43
CA LEU B 149 -9.43 4.51 19.65
C LEU B 149 -9.73 3.32 20.54
N GLU B 150 -9.07 3.24 21.71
CA GLU B 150 -9.34 2.14 22.62
C GLU B 150 -10.80 2.13 23.05
N ALA B 151 -11.37 3.31 23.32
CA ALA B 151 -12.77 3.40 23.74
C ALA B 151 -13.72 3.09 22.61
N GLU B 152 -13.33 3.39 21.38
CA GLU B 152 -14.13 3.04 20.22
C GLU B 152 -14.20 1.52 20.05
#